data_1CPU
#
_entry.id   1CPU
#
_cell.length_a   52.910
_cell.length_b   68.900
_cell.length_c   131.770
_cell.angle_alpha   90.00
_cell.angle_beta   90.00
_cell.angle_gamma   90.00
#
_symmetry.space_group_name_H-M   'P 21 21 21'
#
loop_
_entity.id
_entity.type
_entity.pdbx_description
1 polymer 'PROTEIN (ALPHA-AMYLASE)'
2 branched 4-amino-4,6-dideoxy-alpha-D-glucopyranose-(1-4)-alpha-D-glucopyranose
3 branched alpha-D-glucopyranose-(1-4)-alpha-D-glucopyranose
4 non-polymer 2-acetamido-2-deoxy-beta-D-glucopyranose
5 non-polymer 'CALCIUM ION'
6 non-polymer 'CHLORIDE ION'
7 non-polymer 5-HYDROXYMETHYL-CHONDURITOL
8 water water
#
_entity_poly.entity_id   1
_entity_poly.type   'polypeptide(L)'
_entity_poly.pdbx_seq_one_letter_code
;(PCA)YSPNTQQGRTSIVHLFEWRWVDIALECERYLAPKGFGGVQVSPPNENVAIYNPFRPWWERYQPVSYKLCTRSGNE
DEFRNMVTRCNNVGVRIYVDAVINHMCGNAVSAGTSSTCGSYFNPGSRDFPAVPYSGWDFNDGKCKTGSGDIENYNDATQ
VRDCRLTGLLDLALEKDYVRSKIAEYMNHLIDIGVAGFRLDASKHMWPGDIKAILDKLHNLNSNWFPAGSKPFIYQEVID
LGGEPIKSSDYFGNGRVTEFKYGAKLGTVIRKWNGEKMSYLKNWGEGWGFVPSDRALVFVDNHDNQRGHGAGGASILTFW
DARLYKMAVGFMLAHPYGFTRVMSSYRWPRQFQNGNDVNDWVGPPNNNGVIKEVTINPDTTCGNDWVCEHRWRQIRNMVI
FRNVVDGQPFTNWYDNGSNQVAFGRGNRGFIVFNNDDWSFSLTLQTGLPAGTYCDVISGDKINGNCTGIKIYVSDDGKAH
FSISNSAEDPFIAIHAESKL
;
_entity_poly.pdbx_strand_id   A
#
loop_
_chem_comp.id
_chem_comp.type
_chem_comp.name
_chem_comp.formula
AGL D-saccharide, alpha linking 4-amino-4,6-dideoxy-alpha-D-glucopyranose 'C6 H13 N O4'
CA non-polymer 'CALCIUM ION' 'Ca 2'
CL non-polymer 'CHLORIDE ION' 'Cl -1'
GLC D-saccharide, alpha linking alpha-D-glucopyranose 'C6 H12 O6'
HMC non-polymer 5-HYDROXYMETHYL-CHONDURITOL 'C7 H12 O5'
NAG D-saccharide, beta linking 2-acetamido-2-deoxy-beta-D-glucopyranose 'C8 H15 N O6'
#
# COMPACT_ATOMS: atom_id res chain seq x y z
N PCA A 1 -6.50 2.73 16.93
CA PCA A 1 -5.59 2.95 15.81
CB PCA A 1 -4.28 3.27 16.44
CG PCA A 1 -4.42 2.90 17.83
CD PCA A 1 -5.82 2.69 18.17
C PCA A 1 -5.46 1.73 14.90
O PCA A 1 -4.71 1.80 13.90
N TYR A 2 -6.03 0.60 15.37
CA TYR A 2 -5.79 -0.71 14.70
C TYR A 2 -6.87 -1.04 13.69
N SER A 3 -8.03 -0.42 13.85
CA SER A 3 -9.14 -0.65 12.94
C SER A 3 -9.09 0.32 11.76
N PRO A 4 -9.23 -0.19 10.53
CA PRO A 4 -9.18 0.62 9.31
C PRO A 4 -10.29 1.66 9.16
N ASN A 5 -11.39 1.47 9.87
CA ASN A 5 -12.51 2.40 9.78
C ASN A 5 -13.17 2.33 8.40
N THR A 6 -13.00 1.20 7.71
CA THR A 6 -13.62 1.04 6.39
C THR A 6 -15.09 0.70 6.56
N GLN A 7 -15.86 0.89 5.50
CA GLN A 7 -17.26 0.53 5.55
C GLN A 7 -17.38 -0.97 5.74
N GLN A 8 -18.38 -1.38 6.49
CA GLN A 8 -18.58 -2.79 6.76
C GLN A 8 -18.68 -3.56 5.46
N GLY A 9 -17.86 -4.60 5.32
CA GLY A 9 -17.88 -5.38 4.09
C GLY A 9 -16.76 -5.08 3.10
N ARG A 10 -15.98 -4.03 3.35
CA ARG A 10 -14.85 -3.66 2.48
C ARG A 10 -13.56 -3.95 3.22
N THR A 11 -12.69 -4.75 2.60
CA THR A 11 -11.50 -5.23 3.28
C THR A 11 -10.16 -4.82 2.66
N SER A 12 -10.11 -3.90 1.71
CA SER A 12 -8.83 -3.52 1.14
C SER A 12 -8.74 -2.05 0.81
N ILE A 13 -7.52 -1.54 0.81
CA ILE A 13 -7.29 -0.16 0.41
C ILE A 13 -6.36 -0.16 -0.80
N VAL A 14 -6.42 0.85 -1.63
CA VAL A 14 -5.55 0.89 -2.80
C VAL A 14 -4.67 2.13 -2.78
N HIS A 15 -3.42 1.97 -3.19
CA HIS A 15 -2.50 3.10 -3.24
C HIS A 15 -2.52 3.74 -4.63
N LEU A 16 -3.25 4.85 -4.76
CA LEU A 16 -3.28 5.56 -6.05
C LEU A 16 -2.11 6.53 -6.11
N PHE A 17 -0.94 5.93 -6.24
CA PHE A 17 0.37 6.58 -6.28
C PHE A 17 0.45 7.73 -7.28
N GLU A 18 0.68 8.94 -6.76
CA GLU A 18 0.84 10.16 -7.54
C GLU A 18 -0.42 10.59 -8.30
N TRP A 19 -1.58 10.05 -7.96
CA TRP A 19 -2.80 10.46 -8.64
C TRP A 19 -3.23 11.85 -8.20
N ARG A 20 -3.89 12.59 -9.08
CA ARG A 20 -4.41 13.91 -8.76
C ARG A 20 -5.71 13.76 -7.97
N TRP A 21 -6.03 14.75 -7.13
CA TRP A 21 -7.23 14.69 -6.29
C TRP A 21 -8.53 14.57 -7.12
N VAL A 22 -8.64 15.33 -8.23
CA VAL A 22 -9.85 15.26 -9.05
C VAL A 22 -10.05 13.87 -9.65
N ASP A 23 -8.95 13.22 -10.01
CA ASP A 23 -9.02 11.88 -10.58
C ASP A 23 -9.41 10.85 -9.53
N ILE A 24 -8.92 11.02 -8.31
CA ILE A 24 -9.27 10.09 -7.25
C ILE A 24 -10.75 10.26 -6.89
N ALA A 25 -11.22 11.51 -6.84
CA ALA A 25 -12.62 11.78 -6.51
C ALA A 25 -13.58 11.08 -7.48
N LEU A 26 -13.36 11.20 -8.78
CA LEU A 26 -14.29 10.50 -9.66
C LEU A 26 -14.02 9.01 -9.67
N GLU A 27 -12.80 8.58 -9.38
CA GLU A 27 -12.53 7.14 -9.33
C GLU A 27 -13.30 6.51 -8.17
N CYS A 28 -13.45 7.25 -7.07
CA CYS A 28 -14.21 6.77 -5.93
C CYS A 28 -15.66 6.48 -6.32
N GLU A 29 -16.23 7.40 -7.08
CA GLU A 29 -17.62 7.35 -7.51
C GLU A 29 -17.85 6.38 -8.67
N ARG A 30 -16.95 6.34 -9.65
CA ARG A 30 -17.16 5.50 -10.83
C ARG A 30 -16.63 4.07 -10.70
N TYR A 31 -15.74 3.78 -9.75
CA TYR A 31 -15.22 2.42 -9.73
C TYR A 31 -15.01 1.86 -8.32
N LEU A 32 -14.30 2.59 -7.48
CA LEU A 32 -13.97 2.11 -6.13
C LEU A 32 -15.20 1.76 -5.30
N ALA A 33 -16.21 2.63 -5.27
CA ALA A 33 -17.40 2.34 -4.47
C ALA A 33 -18.15 1.10 -4.98
N PRO A 34 -18.55 1.09 -6.27
CA PRO A 34 -19.28 -0.08 -6.78
C PRO A 34 -18.50 -1.40 -6.82
N LYS A 35 -17.17 -1.34 -6.87
CA LYS A 35 -16.36 -2.56 -6.93
C LYS A 35 -15.95 -3.03 -5.55
N GLY A 36 -16.45 -2.36 -4.51
CA GLY A 36 -16.16 -2.78 -3.16
C GLY A 36 -14.82 -2.45 -2.51
N PHE A 37 -14.12 -1.45 -3.02
CA PHE A 37 -12.83 -1.07 -2.42
C PHE A 37 -13.06 -0.30 -1.12
N GLY A 38 -12.29 -0.63 -0.08
CA GLY A 38 -12.44 0.03 1.20
C GLY A 38 -11.89 1.43 1.33
N GLY A 39 -10.79 1.72 0.65
CA GLY A 39 -10.22 3.05 0.78
C GLY A 39 -9.02 3.31 -0.12
N VAL A 40 -8.52 4.54 -0.04
CA VAL A 40 -7.41 4.94 -0.88
C VAL A 40 -6.28 5.59 -0.09
N GLN A 41 -5.05 5.13 -0.35
CA GLN A 41 -3.89 5.76 0.23
C GLN A 41 -3.40 6.79 -0.78
N VAL A 42 -3.35 8.04 -0.38
CA VAL A 42 -2.93 9.10 -1.28
C VAL A 42 -1.49 9.50 -1.03
N SER A 43 -0.88 10.12 -2.03
CA SER A 43 0.47 10.62 -1.90
C SER A 43 0.47 11.82 -0.96
N PRO A 44 1.63 12.17 -0.38
CA PRO A 44 1.68 13.32 0.54
C PRO A 44 0.96 14.54 0.00
N PRO A 45 -0.07 15.03 0.71
CA PRO A 45 -0.83 16.22 0.29
C PRO A 45 -0.25 17.56 0.70
N ASN A 46 0.87 17.55 1.43
CA ASN A 46 1.49 18.78 1.88
C ASN A 46 2.56 19.30 0.90
N GLU A 47 2.80 20.61 0.95
CA GLU A 47 3.75 21.27 0.07
C GLU A 47 5.14 20.64 0.18
N ASN A 48 5.76 20.39 -0.98
CA ASN A 48 7.08 19.79 -1.03
C ASN A 48 8.02 20.60 -1.92
N VAL A 49 9.29 20.23 -1.92
CA VAL A 49 10.27 20.91 -2.76
C VAL A 49 10.07 20.53 -4.22
N ALA A 50 10.21 21.51 -5.10
CA ALA A 50 10.11 21.24 -6.53
C ALA A 50 11.51 21.00 -7.07
N ILE A 51 11.83 19.74 -7.34
CA ILE A 51 13.16 19.35 -7.82
C ILE A 51 13.20 19.29 -9.33
N TYR A 52 14.12 20.04 -9.94
CA TYR A 52 14.23 20.06 -11.39
C TYR A 52 15.43 19.27 -11.87
N ASN A 53 16.23 18.77 -10.95
CA ASN A 53 17.38 17.94 -11.29
C ASN A 53 17.53 16.77 -10.34
N PRO A 54 17.03 15.57 -10.72
CA PRO A 54 16.34 15.25 -11.97
C PRO A 54 14.98 15.96 -12.08
N PHE A 55 14.34 15.85 -13.23
CA PHE A 55 13.08 16.56 -13.47
C PHE A 55 11.88 15.96 -12.74
N ARG A 56 11.41 16.71 -11.72
CA ARG A 56 10.20 16.36 -10.97
C ARG A 56 10.13 14.87 -10.58
N PRO A 57 11.11 14.34 -9.85
CA PRO A 57 11.05 12.92 -9.47
C PRO A 57 9.91 12.63 -8.50
N TRP A 58 9.49 11.38 -8.44
CA TRP A 58 8.41 11.02 -7.52
C TRP A 58 8.81 11.30 -6.05
N TRP A 59 10.10 11.12 -5.73
CA TRP A 59 10.53 11.28 -4.34
C TRP A 59 10.63 12.74 -3.89
N GLU A 60 10.39 13.71 -4.76
CA GLU A 60 10.42 15.09 -4.31
C GLU A 60 9.30 15.34 -3.29
N ARG A 61 8.27 14.49 -3.36
CA ARG A 61 7.11 14.60 -2.48
C ARG A 61 7.42 14.16 -1.06
N TYR A 62 8.62 13.62 -0.83
CA TYR A 62 9.01 13.17 0.50
C TYR A 62 9.99 14.15 1.14
N GLN A 63 9.97 15.39 0.63
CA GLN A 63 10.78 16.48 1.12
C GLN A 63 9.91 17.71 1.38
N PRO A 64 9.22 17.72 2.53
CA PRO A 64 8.32 18.81 2.95
C PRO A 64 8.92 20.21 3.08
N VAL A 65 8.10 21.19 2.72
CA VAL A 65 8.48 22.61 2.83
C VAL A 65 7.53 23.30 3.80
N SER A 66 6.31 22.79 3.87
CA SER A 66 5.27 23.30 4.76
C SER A 66 4.14 22.30 4.88
N TYR A 67 3.09 22.66 5.61
CA TYR A 67 1.96 21.77 5.77
C TYR A 67 0.74 22.26 5.00
N LYS A 68 0.98 23.16 4.06
CA LYS A 68 -0.09 23.66 3.21
C LYS A 68 -0.52 22.56 2.25
N LEU A 69 -1.82 22.35 2.07
CA LEU A 69 -2.31 21.34 1.13
C LEU A 69 -2.24 21.89 -0.27
N CYS A 70 -1.04 21.79 -0.84
CA CYS A 70 -0.78 22.38 -2.14
C CYS A 70 0.35 21.63 -2.84
N THR A 71 -0.03 20.76 -3.77
CA THR A 71 0.93 19.93 -4.49
C THR A 71 0.53 19.75 -5.94
N ARG A 72 1.30 18.94 -6.66
CA ARG A 72 0.99 18.66 -8.06
C ARG A 72 -0.32 17.90 -8.17
N SER A 73 -0.76 17.30 -7.06
CA SER A 73 -2.03 16.56 -7.06
C SER A 73 -3.23 17.52 -6.98
N GLY A 74 -3.01 18.73 -6.50
CA GLY A 74 -4.08 19.71 -6.40
C GLY A 74 -3.97 20.59 -5.17
N ASN A 75 -4.93 21.49 -5.00
CA ASN A 75 -4.92 22.41 -3.86
C ASN A 75 -5.83 21.91 -2.74
N GLU A 76 -5.98 22.73 -1.69
CA GLU A 76 -6.80 22.34 -0.54
C GLU A 76 -8.27 22.14 -0.90
N ASP A 77 -8.80 22.99 -1.76
CA ASP A 77 -10.20 22.87 -2.16
C ASP A 77 -10.43 21.55 -2.90
N GLU A 78 -9.51 21.21 -3.79
CA GLU A 78 -9.63 19.97 -4.55
C GLU A 78 -9.49 18.77 -3.63
N PHE A 79 -8.60 18.89 -2.64
CA PHE A 79 -8.38 17.81 -1.68
C PHE A 79 -9.61 17.56 -0.83
N ARG A 80 -10.21 18.63 -0.32
CA ARG A 80 -11.41 18.54 0.50
C ARG A 80 -12.56 17.95 -0.32
N ASN A 81 -12.66 18.38 -1.57
CA ASN A 81 -13.70 17.89 -2.48
C ASN A 81 -13.60 16.38 -2.66
N MET A 82 -12.36 15.90 -2.81
CA MET A 82 -12.11 14.47 -2.99
C MET A 82 -12.49 13.67 -1.75
N VAL A 83 -12.09 14.14 -0.57
CA VAL A 83 -12.40 13.44 0.67
C VAL A 83 -13.91 13.37 0.90
N THR A 84 -14.60 14.47 0.66
CA THR A 84 -16.04 14.54 0.85
C THR A 84 -16.77 13.58 -0.11
N ARG A 85 -16.39 13.64 -1.38
CA ARG A 85 -17.03 12.80 -2.38
C ARG A 85 -16.74 11.33 -2.15
N CYS A 86 -15.51 11.00 -1.75
CA CYS A 86 -15.17 9.61 -1.50
C CYS A 86 -15.89 9.08 -0.26
N ASN A 87 -15.92 9.87 0.80
CA ASN A 87 -16.61 9.46 2.03
C ASN A 87 -18.10 9.29 1.78
N ASN A 88 -18.65 10.14 0.93
CA ASN A 88 -20.07 10.11 0.63
C ASN A 88 -20.47 8.81 -0.08
N VAL A 89 -19.49 8.11 -0.64
CA VAL A 89 -19.78 6.84 -1.30
C VAL A 89 -19.16 5.67 -0.54
N GLY A 90 -18.74 5.93 0.71
CA GLY A 90 -18.17 4.88 1.53
C GLY A 90 -16.73 4.47 1.29
N VAL A 91 -15.96 5.28 0.57
CA VAL A 91 -14.55 4.98 0.32
C VAL A 91 -13.66 5.92 1.14
N ARG A 92 -12.88 5.36 2.05
CA ARG A 92 -12.04 6.15 2.94
C ARG A 92 -10.75 6.62 2.31
N ILE A 93 -10.19 7.67 2.92
CA ILE A 93 -8.95 8.26 2.49
C ILE A 93 -7.91 8.19 3.61
N TYR A 94 -6.74 7.66 3.29
CA TYR A 94 -5.63 7.56 4.23
C TYR A 94 -4.47 8.37 3.71
N VAL A 95 -3.98 9.29 4.52
CA VAL A 95 -2.93 10.19 4.07
C VAL A 95 -1.52 9.71 4.42
N ASP A 96 -0.62 9.87 3.46
CA ASP A 96 0.79 9.56 3.66
C ASP A 96 1.39 10.75 4.41
N ALA A 97 1.62 10.56 5.72
CA ALA A 97 2.12 11.65 6.57
C ALA A 97 3.65 11.62 6.71
N VAL A 98 4.29 12.63 6.13
CA VAL A 98 5.73 12.79 6.21
C VAL A 98 6.04 13.73 7.36
N ILE A 99 6.24 13.16 8.54
CA ILE A 99 6.41 13.95 9.75
C ILE A 99 7.76 13.74 10.45
N ASN A 100 8.62 12.90 9.91
CA ASN A 100 9.92 12.68 10.56
C ASN A 100 10.92 13.77 10.19
N HIS A 101 10.69 14.44 9.07
CA HIS A 101 11.69 15.39 8.62
C HIS A 101 11.12 16.41 7.65
N MET A 102 11.99 17.34 7.26
CA MET A 102 11.68 18.32 6.24
C MET A 102 12.51 17.97 4.99
N CYS A 103 12.89 18.91 4.15
CA CYS A 103 13.64 18.56 2.94
C CYS A 103 15.14 18.36 3.19
N GLY A 104 15.85 17.98 2.12
CA GLY A 104 17.29 17.77 2.20
C GLY A 104 18.00 19.00 2.71
N ASN A 105 19.00 18.80 3.56
CA ASN A 105 19.73 19.92 4.14
C ASN A 105 20.55 20.69 3.11
N ALA A 106 20.77 20.09 1.94
CA ALA A 106 21.59 20.74 0.91
C ALA A 106 20.76 21.49 -0.14
N VAL A 107 19.45 21.32 -0.13
CA VAL A 107 18.61 22.01 -1.10
C VAL A 107 18.80 23.52 -1.01
N SER A 108 18.81 24.19 -2.16
CA SER A 108 19.00 25.64 -2.21
C SER A 108 17.81 26.39 -1.64
N ALA A 109 18.09 27.45 -0.88
CA ALA A 109 17.04 28.28 -0.30
C ALA A 109 16.33 29.06 -1.40
N GLY A 110 15.05 29.35 -1.20
CA GLY A 110 14.31 30.08 -2.20
C GLY A 110 12.84 29.72 -2.18
N THR A 111 12.18 29.79 -3.33
CA THR A 111 10.75 29.48 -3.40
C THR A 111 10.46 28.37 -4.41
N SER A 112 11.41 27.45 -4.57
CA SER A 112 11.19 26.33 -5.46
C SER A 112 10.38 25.25 -4.75
N SER A 113 9.13 25.59 -4.46
CA SER A 113 8.21 24.70 -3.76
C SER A 113 6.91 24.59 -4.53
N THR A 114 6.09 23.57 -4.23
CA THR A 114 4.86 23.36 -4.99
C THR A 114 3.91 24.56 -4.97
N CYS A 115 4.15 25.58 -4.17
CA CYS A 115 3.36 26.80 -4.33
C CYS A 115 3.96 28.00 -3.64
N GLY A 116 5.18 28.32 -4.05
CA GLY A 116 5.88 29.49 -3.59
C GLY A 116 6.31 29.72 -2.16
N SER A 117 6.04 28.80 -1.25
CA SER A 117 6.47 29.02 0.11
C SER A 117 7.98 29.16 0.15
N TYR A 118 8.46 30.16 0.86
CA TYR A 118 9.90 30.36 0.98
C TYR A 118 10.47 29.41 2.03
N PHE A 119 11.69 28.94 1.80
CA PHE A 119 12.34 28.06 2.73
C PHE A 119 13.86 28.12 2.57
N ASN A 120 14.57 27.90 3.66
CA ASN A 120 16.02 27.96 3.65
C ASN A 120 16.59 26.81 4.47
N PRO A 121 16.86 25.67 3.81
CA PRO A 121 17.41 24.51 4.52
C PRO A 121 18.72 24.82 5.23
N GLY A 122 19.58 25.60 4.58
CA GLY A 122 20.86 25.94 5.17
C GLY A 122 20.77 26.54 6.55
N SER A 123 19.83 27.46 6.73
CA SER A 123 19.67 28.10 8.02
C SER A 123 18.55 27.45 8.83
N ARG A 124 18.01 26.33 8.36
CA ARG A 124 16.93 25.62 9.07
C ARG A 124 15.70 26.51 9.22
N ASP A 125 15.45 27.34 8.22
CA ASP A 125 14.32 28.26 8.26
C ASP A 125 13.16 27.82 7.37
N PHE A 126 12.04 27.49 8.00
CA PHE A 126 10.81 27.10 7.31
C PHE A 126 9.66 27.94 7.86
N PRO A 127 9.65 29.23 7.51
CA PRO A 127 8.67 30.24 7.92
C PRO A 127 7.19 29.95 7.68
N ALA A 128 6.90 29.07 6.74
CA ALA A 128 5.51 28.77 6.44
C ALA A 128 4.89 27.80 7.45
N VAL A 129 5.69 27.24 8.36
CA VAL A 129 5.14 26.30 9.34
C VAL A 129 4.68 27.00 10.63
N PRO A 130 5.59 27.69 11.34
CA PRO A 130 7.02 27.88 11.11
C PRO A 130 7.93 26.98 11.94
N TYR A 131 9.10 26.71 11.38
CA TYR A 131 10.14 25.91 12.04
C TYR A 131 11.46 26.66 11.97
N SER A 132 12.28 26.52 12.99
CA SER A 132 13.58 27.19 12.99
C SER A 132 14.66 26.20 13.39
N GLY A 133 15.88 26.70 13.52
CA GLY A 133 17.00 25.85 13.88
C GLY A 133 16.87 24.97 15.11
N TRP A 134 16.25 25.46 16.17
CA TRP A 134 16.13 24.65 17.37
C TRP A 134 14.97 23.67 17.31
N ASP A 135 14.40 23.49 16.13
CA ASP A 135 13.32 22.53 15.94
C ASP A 135 13.83 21.27 15.25
N PHE A 136 15.14 21.20 15.04
CA PHE A 136 15.76 20.06 14.37
C PHE A 136 16.76 19.34 15.29
N ASN A 137 17.17 18.13 14.92
CA ASN A 137 18.05 17.32 15.77
C ASN A 137 19.53 17.49 15.47
N ASP A 138 19.91 18.59 14.84
CA ASP A 138 21.32 18.82 14.50
C ASP A 138 22.25 18.64 15.71
N GLY A 139 21.87 19.19 16.87
CA GLY A 139 22.72 19.07 18.04
C GLY A 139 22.58 17.74 18.79
N LYS A 140 21.60 16.95 18.41
CA LYS A 140 21.33 15.66 19.04
C LYS A 140 22.08 14.52 18.33
N CYS A 141 22.16 14.59 17.01
CA CYS A 141 22.85 13.56 16.24
C CYS A 141 24.31 13.51 16.62
N LYS A 142 24.83 12.30 16.71
CA LYS A 142 26.20 12.06 17.16
C LYS A 142 27.12 11.50 16.05
N THR A 143 26.65 11.40 14.82
CA THR A 143 27.52 10.88 13.76
C THR A 143 28.40 11.99 13.18
N GLY A 144 29.54 11.62 12.60
CA GLY A 144 30.42 12.62 12.03
C GLY A 144 29.87 13.34 10.82
N SER A 145 29.03 12.65 10.04
CA SER A 145 28.45 13.24 8.84
C SER A 145 27.12 13.94 9.15
N GLY A 146 26.50 13.59 10.26
CA GLY A 146 25.22 14.21 10.58
C GLY A 146 24.09 13.38 10.00
N ASP A 147 24.41 12.42 9.14
CA ASP A 147 23.42 11.55 8.53
C ASP A 147 23.45 10.18 9.21
N ILE A 148 22.45 9.36 8.94
CA ILE A 148 22.44 8.01 9.49
C ILE A 148 23.52 7.21 8.78
N GLU A 149 24.44 6.62 9.52
CA GLU A 149 25.55 5.89 8.89
C GLU A 149 25.48 4.39 9.15
N ASN A 150 24.90 4.01 10.28
CA ASN A 150 24.85 2.61 10.64
C ASN A 150 23.52 2.26 11.28
N TYR A 151 22.77 1.35 10.65
CA TYR A 151 21.48 0.95 11.16
C TYR A 151 21.60 0.03 12.38
N ASN A 152 22.83 -0.30 12.76
CA ASN A 152 23.04 -1.16 13.92
C ASN A 152 23.04 -0.35 15.21
N ASP A 153 22.94 0.97 15.06
CA ASP A 153 22.88 1.89 16.18
C ASP A 153 21.49 2.54 16.22
N ALA A 154 20.61 1.96 17.04
CA ALA A 154 19.23 2.43 17.14
C ALA A 154 19.10 3.91 17.45
N THR A 155 20.08 4.51 18.11
CA THR A 155 20.00 5.92 18.46
C THR A 155 20.17 6.83 17.26
N GLN A 156 21.20 6.62 16.47
CA GLN A 156 21.44 7.46 15.29
C GLN A 156 20.35 7.27 14.23
N VAL A 157 19.76 6.08 14.19
CA VAL A 157 18.69 5.83 13.23
C VAL A 157 17.52 6.79 13.49
N ARG A 158 17.34 7.20 14.74
CA ARG A 158 16.23 8.08 15.11
C ARG A 158 16.64 9.55 15.22
N ASP A 159 17.87 9.83 15.61
CA ASP A 159 18.27 11.23 15.84
C ASP A 159 19.04 11.86 14.68
N CYS A 160 19.48 11.07 13.71
CA CYS A 160 20.22 11.63 12.61
C CYS A 160 19.39 11.74 11.32
N ARG A 161 19.95 12.36 10.30
CA ARG A 161 19.25 12.62 9.04
C ARG A 161 19.25 11.44 8.09
N LEU A 162 18.05 10.99 7.72
CA LEU A 162 17.91 9.92 6.74
C LEU A 162 18.25 10.51 5.37
N THR A 163 19.33 10.04 4.75
CA THR A 163 19.81 10.57 3.46
C THR A 163 19.78 12.09 3.44
N GLY A 164 20.27 12.72 4.51
CA GLY A 164 20.32 14.18 4.55
C GLY A 164 19.06 14.97 4.83
N LEU A 165 17.93 14.30 4.98
CA LEU A 165 16.66 15.00 5.26
C LEU A 165 16.71 15.62 6.66
N LEU A 166 16.50 16.93 6.77
CA LEU A 166 16.51 17.60 8.08
C LEU A 166 15.57 16.90 9.06
N ASP A 167 16.13 16.41 10.15
CA ASP A 167 15.43 15.63 11.17
C ASP A 167 14.77 16.50 12.25
N LEU A 168 13.45 16.41 12.32
CA LEU A 168 12.68 17.19 13.28
C LEU A 168 12.88 16.69 14.71
N ALA A 169 12.96 17.63 15.67
CA ALA A 169 13.12 17.28 17.08
C ALA A 169 11.75 16.94 17.66
N LEU A 170 11.30 15.72 17.40
CA LEU A 170 9.99 15.22 17.80
C LEU A 170 9.81 15.12 19.31
N GLU A 171 10.83 15.41 20.10
CA GLU A 171 10.62 15.35 21.55
C GLU A 171 10.07 16.68 22.08
N LYS A 172 10.16 17.73 21.25
CA LYS A 172 9.68 19.05 21.62
C LYS A 172 8.16 19.15 21.46
N ASP A 173 7.49 19.65 22.50
CA ASP A 173 6.05 19.80 22.42
C ASP A 173 5.66 20.72 21.28
N TYR A 174 6.46 21.75 21.01
CA TYR A 174 6.12 22.65 19.93
C TYR A 174 6.07 21.91 18.61
N VAL A 175 7.07 21.09 18.35
CA VAL A 175 7.12 20.34 17.11
C VAL A 175 5.99 19.34 17.04
N ARG A 176 5.72 18.66 18.16
CA ARG A 176 4.63 17.69 18.25
C ARG A 176 3.27 18.36 17.95
N SER A 177 3.13 19.59 18.42
CA SER A 177 1.90 20.36 18.23
C SER A 177 1.70 20.81 16.79
N LYS A 178 2.78 21.19 16.11
CA LYS A 178 2.67 21.63 14.72
C LYS A 178 2.29 20.47 13.82
N ILE A 179 2.82 19.29 14.12
CA ILE A 179 2.49 18.11 13.34
C ILE A 179 1.04 17.68 13.63
N ALA A 180 0.62 17.78 14.89
CA ALA A 180 -0.75 17.45 15.27
C ALA A 180 -1.72 18.44 14.63
N GLU A 181 -1.32 19.70 14.55
CA GLU A 181 -2.15 20.72 13.94
C GLU A 181 -2.45 20.33 12.50
N TYR A 182 -1.43 19.83 11.83
CA TYR A 182 -1.55 19.41 10.44
C TYR A 182 -2.45 18.18 10.31
N MET A 183 -2.20 17.17 11.13
CA MET A 183 -2.98 15.93 11.05
C MET A 183 -4.44 16.14 11.48
N ASN A 184 -4.68 17.02 12.45
CA ASN A 184 -6.04 17.30 12.91
C ASN A 184 -6.81 18.06 11.85
N HIS A 185 -6.10 18.88 11.08
CA HIS A 185 -6.75 19.59 10.00
C HIS A 185 -7.30 18.59 8.99
N LEU A 186 -6.48 17.58 8.69
CA LEU A 186 -6.85 16.52 7.76
C LEU A 186 -7.97 15.67 8.34
N ILE A 187 -7.85 15.32 9.61
CA ILE A 187 -8.87 14.51 10.26
C ILE A 187 -10.22 15.23 10.21
N ASP A 188 -10.23 16.53 10.51
CA ASP A 188 -11.49 17.29 10.50
C ASP A 188 -12.03 17.45 9.10
N ILE A 189 -11.17 17.33 8.09
CA ILE A 189 -11.64 17.41 6.71
C ILE A 189 -12.39 16.11 6.37
N GLY A 190 -11.97 15.03 7.02
CA GLY A 190 -12.62 13.75 6.79
C GLY A 190 -11.74 12.53 6.55
N VAL A 191 -10.41 12.66 6.65
CA VAL A 191 -9.55 11.49 6.43
C VAL A 191 -9.75 10.44 7.55
N ALA A 192 -9.64 9.17 7.20
CA ALA A 192 -9.87 8.08 8.15
C ALA A 192 -8.61 7.56 8.80
N GLY A 193 -7.44 7.98 8.32
CA GLY A 193 -6.22 7.45 8.92
C GLY A 193 -4.94 7.90 8.23
N PHE A 194 -3.82 7.35 8.65
CA PHE A 194 -2.55 7.79 8.09
C PHE A 194 -1.50 6.68 8.03
N ARG A 195 -0.65 6.84 7.03
CA ARG A 195 0.52 6.02 6.88
C ARG A 195 1.64 6.85 7.46
N LEU A 196 2.26 6.40 8.54
CA LEU A 196 3.34 7.19 9.09
C LEU A 196 4.65 6.87 8.40
N ASP A 197 5.07 7.78 7.53
CA ASP A 197 6.30 7.63 6.77
C ASP A 197 7.52 7.61 7.68
N ALA A 198 8.48 6.74 7.36
CA ALA A 198 9.74 6.63 8.08
C ALA A 198 9.53 6.50 9.58
N SER A 199 8.64 5.61 9.99
CA SER A 199 8.37 5.44 11.41
C SER A 199 9.57 4.89 12.16
N LYS A 200 10.37 4.06 11.50
CA LYS A 200 11.57 3.51 12.12
C LYS A 200 12.51 4.61 12.61
N HIS A 201 12.43 5.77 11.97
CA HIS A 201 13.31 6.89 12.29
C HIS A 201 12.76 7.78 13.38
N MET A 202 11.68 7.34 14.02
CA MET A 202 11.09 8.08 15.10
C MET A 202 10.96 7.20 16.32
N TRP A 203 11.16 7.77 17.50
CA TRP A 203 11.01 6.99 18.73
C TRP A 203 9.55 6.63 18.94
N PRO A 204 9.26 5.36 19.25
CA PRO A 204 7.87 4.96 19.48
C PRO A 204 7.14 5.90 20.46
N GLY A 205 7.85 6.36 21.47
CA GLY A 205 7.26 7.27 22.45
C GLY A 205 6.91 8.64 21.90
N ASP A 206 7.72 9.12 20.96
CA ASP A 206 7.47 10.41 20.34
C ASP A 206 6.25 10.33 19.45
N ILE A 207 6.13 9.20 18.73
CA ILE A 207 4.97 8.97 17.88
C ILE A 207 3.70 8.93 18.73
N LYS A 208 3.76 8.19 19.83
CA LYS A 208 2.62 8.07 20.73
C LYS A 208 2.18 9.44 21.25
N ALA A 209 3.14 10.28 21.61
CA ALA A 209 2.85 11.62 22.11
C ALA A 209 2.08 12.45 21.08
N ILE A 210 2.37 12.24 19.81
CA ILE A 210 1.67 12.96 18.75
C ILE A 210 0.26 12.43 18.57
N LEU A 211 0.13 11.11 18.56
CA LEU A 211 -1.17 10.46 18.38
C LEU A 211 -2.14 10.84 19.49
N ASP A 212 -1.59 11.12 20.68
CA ASP A 212 -2.39 11.50 21.83
C ASP A 212 -3.01 12.88 21.65
N LYS A 213 -2.52 13.62 20.66
CA LYS A 213 -3.03 14.96 20.38
C LYS A 213 -4.05 14.96 19.23
N LEU A 214 -4.32 13.78 18.66
CA LEU A 214 -5.21 13.68 17.51
C LEU A 214 -6.69 13.64 17.90
N HIS A 215 -7.52 14.24 17.05
CA HIS A 215 -8.96 14.24 17.26
C HIS A 215 -9.55 12.90 16.89
N ASN A 216 -10.81 12.70 17.26
CA ASN A 216 -11.55 11.52 16.84
C ASN A 216 -11.99 11.80 15.40
N LEU A 217 -12.39 10.79 14.63
CA LEU A 217 -12.79 11.03 13.24
C LEU A 217 -14.01 11.95 13.15
N ASN A 218 -14.16 12.65 12.03
CA ASN A 218 -15.28 13.58 11.82
C ASN A 218 -16.62 12.90 12.06
N SER A 219 -17.37 13.42 13.03
CA SER A 219 -18.66 12.84 13.45
C SER A 219 -19.75 12.93 12.38
N ASN A 220 -19.49 13.63 11.27
CA ASN A 220 -20.47 13.72 10.20
C ASN A 220 -20.48 12.44 9.34
N TRP A 221 -19.40 11.67 9.40
CA TRP A 221 -19.31 10.44 8.63
C TRP A 221 -19.02 9.23 9.49
N PHE A 222 -18.30 9.42 10.60
CA PHE A 222 -17.94 8.28 11.44
C PHE A 222 -18.61 8.32 12.80
N PRO A 223 -18.83 7.14 13.39
CA PRO A 223 -19.47 7.03 14.71
C PRO A 223 -18.61 7.73 15.76
N ALA A 224 -19.27 8.22 16.80
CA ALA A 224 -18.57 8.91 17.87
C ALA A 224 -17.53 7.98 18.49
N GLY A 225 -16.38 8.54 18.85
CA GLY A 225 -15.33 7.76 19.47
C GLY A 225 -14.41 7.04 18.50
N SER A 226 -14.57 7.30 17.20
CA SER A 226 -13.72 6.66 16.21
C SER A 226 -12.31 7.23 16.23
N LYS A 227 -11.32 6.36 16.25
CA LYS A 227 -9.91 6.77 16.25
C LYS A 227 -9.29 6.57 14.87
N PRO A 228 -8.39 7.47 14.46
CA PRO A 228 -7.77 7.32 13.14
C PRO A 228 -6.96 6.04 13.00
N PHE A 229 -7.07 5.40 11.83
CA PHE A 229 -6.31 4.20 11.53
C PHE A 229 -4.84 4.56 11.35
N ILE A 230 -3.95 3.87 12.05
CA ILE A 230 -2.54 4.19 11.94
C ILE A 230 -1.70 3.00 11.51
N TYR A 231 -1.00 3.14 10.39
CA TYR A 231 -0.07 2.10 9.97
C TYR A 231 1.32 2.72 9.78
N GLN A 232 2.28 2.19 10.53
CA GLN A 232 3.63 2.73 10.54
C GLN A 232 4.57 2.01 9.59
N GLU A 233 5.27 2.80 8.78
CA GLU A 233 6.25 2.22 7.88
C GLU A 233 7.52 1.92 8.62
N VAL A 234 7.69 0.64 8.94
CA VAL A 234 8.88 0.16 9.60
C VAL A 234 9.40 -1.04 8.82
N ILE A 235 10.59 -0.91 8.22
CA ILE A 235 11.18 -2.02 7.49
C ILE A 235 11.99 -2.87 8.43
N ASP A 236 11.46 -4.04 8.75
CA ASP A 236 12.10 -4.98 9.66
C ASP A 236 12.18 -6.35 9.01
N LEU A 237 13.33 -6.63 8.41
CA LEU A 237 13.52 -7.91 7.75
C LEU A 237 14.30 -8.88 8.64
N GLY A 238 14.53 -8.50 9.89
CA GLY A 238 15.20 -9.40 10.82
C GLY A 238 16.60 -9.21 11.37
N GLY A 239 17.42 -8.35 10.80
CA GLY A 239 18.78 -8.25 11.34
C GLY A 239 19.21 -6.97 12.02
N GLU A 240 18.27 -6.14 12.47
CA GLU A 240 18.63 -4.89 13.11
C GLU A 240 18.14 -4.85 14.55
N PRO A 241 18.68 -3.91 15.35
CA PRO A 241 18.26 -3.80 16.75
C PRO A 241 16.82 -3.31 16.90
N ILE A 242 16.35 -2.52 15.93
CA ILE A 242 14.99 -2.00 15.97
C ILE A 242 14.00 -3.05 15.47
N LYS A 243 12.94 -3.30 16.22
CA LYS A 243 11.95 -4.29 15.81
C LYS A 243 10.60 -3.63 15.59
N SER A 244 9.84 -4.15 14.63
CA SER A 244 8.54 -3.55 14.36
C SER A 244 7.59 -3.70 15.55
N SER A 245 7.79 -4.72 16.37
CA SER A 245 6.95 -4.93 17.55
C SER A 245 7.07 -3.77 18.55
N ASP A 246 8.15 -3.00 18.46
CA ASP A 246 8.35 -1.87 19.35
C ASP A 246 7.30 -0.78 19.10
N TYR A 247 6.63 -0.88 17.97
CA TYR A 247 5.65 0.13 17.58
C TYR A 247 4.21 -0.36 17.70
N PHE A 248 4.00 -1.56 18.22
CA PHE A 248 2.66 -2.14 18.34
C PHE A 248 1.70 -1.26 19.16
N GLY A 249 2.25 -0.49 20.09
CA GLY A 249 1.41 0.36 20.91
C GLY A 249 0.83 1.58 20.23
N ASN A 250 1.30 1.90 19.02
CA ASN A 250 0.84 3.08 18.28
C ASN A 250 -0.13 2.73 17.16
N GLY A 251 -0.09 1.49 16.70
CA GLY A 251 -0.98 1.07 15.64
C GLY A 251 -0.38 -0.10 14.88
N ARG A 252 -0.84 -0.29 13.65
CA ARG A 252 -0.35 -1.38 12.81
C ARG A 252 1.02 -1.04 12.22
N VAL A 253 1.68 -2.04 11.65
CA VAL A 253 2.98 -1.84 11.02
C VAL A 253 3.02 -2.53 9.66
N THR A 254 3.78 -1.94 8.75
CA THR A 254 3.95 -2.54 7.44
C THR A 254 4.77 -3.82 7.60
N GLU A 255 4.28 -4.93 7.07
CA GLU A 255 5.04 -6.17 7.16
C GLU A 255 5.77 -6.42 5.84
N PHE A 256 7.02 -5.96 5.75
CA PHE A 256 7.80 -6.08 4.53
C PHE A 256 8.30 -7.49 4.27
N LYS A 257 8.30 -8.37 5.27
CA LYS A 257 8.74 -9.73 5.05
C LYS A 257 7.74 -10.47 4.16
N TYR A 258 6.49 -10.00 4.18
CA TYR A 258 5.40 -10.59 3.43
C TYR A 258 5.69 -10.65 1.92
N GLY A 259 5.86 -9.48 1.31
CA GLY A 259 6.12 -9.39 -0.11
C GLY A 259 7.45 -9.98 -0.52
N ALA A 260 8.46 -9.84 0.33
CA ALA A 260 9.78 -10.37 0.02
C ALA A 260 9.75 -11.89 -0.05
N LYS A 261 9.12 -12.52 0.94
CA LYS A 261 9.04 -13.99 0.99
C LYS A 261 8.10 -14.53 -0.06
N LEU A 262 7.01 -13.83 -0.34
CA LEU A 262 6.06 -14.27 -1.34
C LEU A 262 6.70 -14.25 -2.74
N GLY A 263 7.49 -13.23 -3.00
CA GLY A 263 8.17 -13.12 -4.29
C GLY A 263 9.15 -14.25 -4.49
N THR A 264 9.86 -14.63 -3.44
CA THR A 264 10.84 -15.71 -3.52
C THR A 264 10.18 -17.05 -3.75
N VAL A 265 9.07 -17.30 -3.07
CA VAL A 265 8.38 -18.59 -3.22
C VAL A 265 7.71 -18.69 -4.60
N ILE A 266 7.10 -17.61 -5.06
CA ILE A 266 6.43 -17.65 -6.36
C ILE A 266 7.43 -17.69 -7.52
N ARG A 267 8.60 -17.12 -7.31
CA ARG A 267 9.67 -17.15 -8.32
C ARG A 267 10.42 -18.47 -8.22
N LYS A 268 10.15 -19.20 -7.14
CA LYS A 268 10.76 -20.49 -6.86
C LYS A 268 12.26 -20.36 -6.68
N TRP A 269 12.67 -19.31 -5.97
CA TRP A 269 14.09 -19.08 -5.72
C TRP A 269 14.58 -19.91 -4.53
N ASN A 270 15.86 -20.27 -4.60
CA ASN A 270 16.55 -21.07 -3.59
C ASN A 270 15.72 -22.26 -3.08
N GLY A 271 15.11 -22.99 -4.00
CA GLY A 271 14.33 -24.16 -3.64
C GLY A 271 12.99 -23.98 -2.97
N GLU A 272 12.49 -22.76 -2.88
CA GLU A 272 11.20 -22.50 -2.26
C GLU A 272 10.05 -23.02 -3.14
N LYS A 273 8.96 -23.45 -2.50
CA LYS A 273 7.80 -23.98 -3.20
C LYS A 273 6.51 -23.47 -2.60
N MET A 274 5.46 -23.39 -3.41
CA MET A 274 4.16 -22.92 -2.92
C MET A 274 3.60 -23.85 -1.85
N SER A 275 4.04 -25.12 -1.84
CA SER A 275 3.54 -26.06 -0.85
C SER A 275 3.95 -25.64 0.56
N TYR A 276 4.99 -24.81 0.66
CA TYR A 276 5.47 -24.36 1.97
C TYR A 276 4.57 -23.27 2.55
N LEU A 277 3.62 -22.79 1.77
CA LEU A 277 2.73 -21.72 2.23
C LEU A 277 1.56 -22.23 3.08
N LYS A 278 1.53 -23.53 3.40
CA LYS A 278 0.41 -24.03 4.21
C LYS A 278 0.32 -23.32 5.55
N ASN A 279 1.47 -22.97 6.13
CA ASN A 279 1.51 -22.28 7.43
C ASN A 279 1.91 -20.82 7.29
N TRP A 280 1.57 -20.24 6.14
CA TRP A 280 1.86 -18.84 5.85
C TRP A 280 1.28 -17.93 6.93
N GLY A 281 2.05 -16.92 7.34
CA GLY A 281 1.57 -16.02 8.38
C GLY A 281 2.54 -15.95 9.52
N GLU A 282 2.01 -15.90 10.74
CA GLU A 282 2.87 -15.82 11.91
C GLU A 282 3.87 -16.98 11.94
N GLY A 283 3.44 -18.11 11.39
CA GLY A 283 4.31 -19.28 11.34
C GLY A 283 5.61 -19.02 10.61
N TRP A 284 5.62 -17.98 9.77
CA TRP A 284 6.82 -17.62 9.02
C TRP A 284 7.61 -16.52 9.73
N GLY A 285 7.22 -16.21 10.95
CA GLY A 285 7.91 -15.17 11.70
C GLY A 285 7.37 -13.77 11.47
N PHE A 286 6.18 -13.66 10.90
CA PHE A 286 5.59 -12.36 10.63
C PHE A 286 4.92 -11.81 11.89
N VAL A 287 4.66 -10.51 11.92
CA VAL A 287 4.00 -9.91 13.07
C VAL A 287 2.56 -10.44 13.18
N PRO A 288 1.93 -10.27 14.36
CA PRO A 288 0.55 -10.76 14.52
C PRO A 288 -0.33 -10.17 13.42
N SER A 289 -1.25 -10.98 12.91
CA SER A 289 -2.15 -10.56 11.85
C SER A 289 -2.88 -9.26 12.17
N ASP A 290 -3.30 -9.08 13.42
CA ASP A 290 -4.05 -7.87 13.79
C ASP A 290 -3.17 -6.62 13.90
N ARG A 291 -1.89 -6.73 13.58
CA ARG A 291 -1.02 -5.56 13.62
C ARG A 291 -0.34 -5.39 12.28
N ALA A 292 -0.76 -6.19 11.31
CA ALA A 292 -0.09 -6.17 10.02
C ALA A 292 -0.86 -5.53 8.89
N LEU A 293 -0.12 -4.77 8.12
CA LEU A 293 -0.56 -4.17 6.88
C LEU A 293 0.27 -4.85 5.79
N VAL A 294 -0.36 -5.66 4.94
CA VAL A 294 0.40 -6.41 3.94
C VAL A 294 0.20 -5.90 2.53
N PHE A 295 1.15 -6.28 1.68
CA PHE A 295 1.17 -5.89 0.29
C PHE A 295 2.21 -6.71 -0.46
N VAL A 296 2.10 -6.78 -1.78
CA VAL A 296 3.08 -7.53 -2.56
C VAL A 296 4.27 -6.63 -2.87
N ASP A 297 3.97 -5.42 -3.32
CA ASP A 297 4.98 -4.41 -3.62
C ASP A 297 4.48 -3.05 -3.18
N ASN A 298 5.39 -2.12 -2.94
CA ASN A 298 5.00 -0.75 -2.59
C ASN A 298 5.69 0.23 -3.52
N HIS A 299 5.41 1.53 -3.36
CA HIS A 299 5.98 2.53 -4.26
C HIS A 299 7.51 2.57 -4.22
N ASP A 300 8.10 2.10 -3.13
CA ASP A 300 9.56 2.09 -3.01
C ASP A 300 10.20 0.88 -3.69
N ASN A 301 9.84 -0.32 -3.23
CA ASN A 301 10.51 -1.52 -3.72
C ASN A 301 10.04 -1.99 -5.08
N GLN A 302 9.04 -1.35 -5.69
CA GLN A 302 8.67 -1.76 -7.04
C GLN A 302 9.66 -1.18 -8.04
N ARG A 303 10.50 -0.27 -7.52
CA ARG A 303 11.53 0.40 -8.31
C ARG A 303 12.89 0.33 -7.59
N GLY A 304 13.06 -0.69 -6.76
CA GLY A 304 14.31 -0.90 -6.03
C GLY A 304 14.72 0.13 -4.99
N HIS A 305 13.77 0.89 -4.45
CA HIS A 305 14.12 1.93 -3.47
C HIS A 305 13.92 1.50 -2.02
N GLY A 306 13.33 0.35 -1.75
CA GLY A 306 13.18 0.06 -0.34
C GLY A 306 13.94 -1.11 0.21
N ALA A 307 13.18 -2.17 0.40
CA ALA A 307 13.66 -3.45 0.89
C ALA A 307 12.82 -4.55 0.26
N GLY A 308 13.44 -5.69 0.01
CA GLY A 308 12.73 -6.80 -0.62
C GLY A 308 13.62 -7.32 -1.71
N GLY A 309 14.40 -6.41 -2.29
CA GLY A 309 15.32 -6.79 -3.33
C GLY A 309 14.75 -7.14 -4.69
N ALA A 310 15.45 -8.04 -5.38
CA ALA A 310 15.07 -8.47 -6.72
C ALA A 310 13.93 -9.48 -6.69
N SER A 311 13.59 -10.01 -5.53
CA SER A 311 12.52 -11.00 -5.44
C SER A 311 11.12 -10.38 -5.55
N ILE A 312 11.02 -9.10 -5.23
CA ILE A 312 9.74 -8.40 -5.26
C ILE A 312 9.06 -8.51 -6.63
N LEU A 313 7.78 -8.86 -6.62
CA LEU A 313 7.00 -8.97 -7.84
C LEU A 313 6.25 -7.67 -8.09
N THR A 314 6.14 -7.29 -9.36
CA THR A 314 5.47 -6.04 -9.73
C THR A 314 4.66 -6.20 -11.03
N PHE A 315 3.94 -5.17 -11.42
CA PHE A 315 3.14 -5.24 -12.64
C PHE A 315 4.00 -5.62 -13.84
N TRP A 316 5.31 -5.36 -13.77
CA TRP A 316 6.20 -5.73 -14.87
C TRP A 316 6.18 -7.25 -15.08
N ASP A 317 6.02 -7.99 -13.99
CA ASP A 317 5.93 -9.46 -14.03
C ASP A 317 4.45 -9.87 -13.91
N ALA A 318 3.63 -9.30 -14.78
CA ALA A 318 2.18 -9.46 -14.80
C ALA A 318 1.68 -10.86 -14.42
N ARG A 319 2.09 -11.91 -15.13
CA ARG A 319 1.56 -13.24 -14.84
C ARG A 319 1.79 -13.68 -13.39
N LEU A 320 3.02 -13.58 -12.91
CA LEU A 320 3.33 -13.99 -11.54
C LEU A 320 2.76 -13.00 -10.52
N TYR A 321 2.68 -11.73 -10.88
CA TYR A 321 2.14 -10.71 -10.01
C TYR A 321 0.66 -10.97 -9.67
N LYS A 322 -0.14 -11.31 -10.68
CA LYS A 322 -1.56 -11.59 -10.47
C LYS A 322 -1.76 -12.77 -9.52
N MET A 323 -0.86 -13.74 -9.63
CA MET A 323 -0.91 -14.92 -8.77
C MET A 323 -0.58 -14.54 -7.32
N ALA A 324 0.42 -13.68 -7.16
CA ALA A 324 0.84 -13.23 -5.84
C ALA A 324 -0.24 -12.39 -5.18
N VAL A 325 -0.77 -11.43 -5.93
CA VAL A 325 -1.83 -10.59 -5.40
C VAL A 325 -3.06 -11.44 -5.08
N GLY A 326 -3.32 -12.43 -5.93
CA GLY A 326 -4.45 -13.33 -5.72
C GLY A 326 -4.30 -14.13 -4.44
N PHE A 327 -3.12 -14.68 -4.21
CA PHE A 327 -2.89 -15.46 -2.99
C PHE A 327 -3.04 -14.58 -1.75
N MET A 328 -2.54 -13.35 -1.85
CA MET A 328 -2.60 -12.41 -0.73
C MET A 328 -4.03 -12.09 -0.33
N LEU A 329 -4.89 -11.72 -1.26
CA LEU A 329 -6.22 -11.36 -0.82
C LEU A 329 -7.14 -12.57 -0.59
N ALA A 330 -6.65 -13.77 -0.88
CA ALA A 330 -7.44 -14.96 -0.58
C ALA A 330 -7.10 -15.43 0.84
N HIS A 331 -5.87 -15.14 1.24
CA HIS A 331 -5.39 -15.55 2.56
C HIS A 331 -5.86 -14.59 3.66
N PRO A 332 -6.30 -15.15 4.80
CA PRO A 332 -6.78 -14.39 5.96
C PRO A 332 -5.81 -13.48 6.70
N TYR A 333 -4.51 -13.70 6.54
CA TYR A 333 -3.51 -12.91 7.27
C TYR A 333 -3.50 -11.43 6.88
N GLY A 334 -3.50 -10.58 7.91
CA GLY A 334 -3.42 -9.12 7.76
C GLY A 334 -4.46 -8.31 7.01
N PHE A 335 -4.20 -7.00 6.95
CA PHE A 335 -5.04 -6.07 6.20
C PHE A 335 -4.32 -5.75 4.90
N THR A 336 -4.99 -6.00 3.79
CA THR A 336 -4.35 -5.90 2.48
C THR A 336 -4.40 -4.55 1.80
N ARG A 337 -3.27 -4.21 1.20
CA ARG A 337 -3.12 -3.00 0.41
C ARG A 337 -2.71 -3.36 -1.01
N VAL A 338 -3.50 -2.93 -1.97
CA VAL A 338 -3.21 -3.19 -3.38
C VAL A 338 -2.51 -1.97 -4.00
N MET A 339 -1.51 -2.23 -4.82
CA MET A 339 -0.76 -1.16 -5.45
C MET A 339 -1.34 -0.79 -6.82
N SER A 340 -1.24 0.50 -7.14
CA SER A 340 -1.67 1.05 -8.42
C SER A 340 -0.57 2.01 -8.89
N SER A 341 0.09 1.66 -9.98
CA SER A 341 1.24 2.43 -10.42
C SER A 341 1.09 3.05 -11.79
N TYR A 342 2.19 3.68 -12.20
CA TYR A 342 2.32 4.27 -13.51
C TYR A 342 3.54 3.68 -14.20
N ARG A 343 3.51 3.69 -15.53
CA ARG A 343 4.61 3.16 -16.30
C ARG A 343 5.73 4.18 -16.43
N TRP A 344 6.95 3.69 -16.33
CA TRP A 344 8.13 4.53 -16.50
C TRP A 344 9.15 3.80 -17.34
N PRO A 345 10.02 4.53 -18.05
CA PRO A 345 11.02 3.85 -18.88
C PRO A 345 12.13 3.19 -18.07
N ARG A 346 11.86 1.98 -17.62
CA ARG A 346 12.85 1.23 -16.84
C ARG A 346 14.07 0.93 -17.71
N GLN A 347 15.24 1.42 -17.28
CA GLN A 347 16.49 1.22 -18.01
C GLN A 347 17.51 0.52 -17.14
N PHE A 348 17.61 -0.80 -17.27
CA PHE A 348 18.52 -1.57 -16.44
C PHE A 348 19.95 -1.59 -16.97
N GLN A 349 20.85 -1.03 -16.17
CA GLN A 349 22.26 -1.00 -16.50
C GLN A 349 23.05 -1.66 -15.37
N ASN A 350 23.75 -2.73 -15.68
CA ASN A 350 24.52 -3.47 -14.68
C ASN A 350 23.61 -3.95 -13.56
N GLY A 351 22.40 -4.36 -13.93
CA GLY A 351 21.45 -4.88 -12.95
C GLY A 351 20.66 -3.84 -12.17
N ASN A 352 20.86 -2.56 -12.47
CA ASN A 352 20.14 -1.51 -11.75
C ASN A 352 19.44 -0.55 -12.71
N ASP A 353 18.22 -0.17 -12.36
CA ASP A 353 17.41 0.74 -13.17
C ASP A 353 17.84 2.19 -12.95
N VAL A 354 18.39 2.83 -13.99
CA VAL A 354 18.87 4.20 -13.89
C VAL A 354 17.74 5.24 -13.96
N ASN A 355 16.53 4.79 -14.28
CA ASN A 355 15.40 5.70 -14.35
C ASN A 355 14.43 5.48 -13.19
N ASP A 356 14.94 5.04 -12.05
CA ASP A 356 14.09 4.76 -10.89
C ASP A 356 13.56 6.04 -10.23
N TRP A 357 14.01 7.19 -10.70
CA TRP A 357 13.60 8.49 -10.15
C TRP A 357 12.42 9.10 -10.92
N VAL A 358 12.17 8.64 -12.14
CA VAL A 358 11.13 9.21 -13.00
C VAL A 358 9.78 9.32 -12.28
N GLY A 359 9.23 10.53 -12.31
CA GLY A 359 7.96 10.80 -11.66
C GLY A 359 6.76 10.39 -12.50
N PRO A 360 5.54 10.73 -12.06
CA PRO A 360 4.28 10.40 -12.75
C PRO A 360 4.17 10.97 -14.16
N PRO A 361 3.38 10.30 -15.03
CA PRO A 361 3.17 10.76 -16.41
C PRO A 361 2.83 12.25 -16.36
N ASN A 362 3.44 13.03 -17.24
CA ASN A 362 3.17 14.47 -17.18
C ASN A 362 3.45 15.17 -18.50
N ASN A 363 3.04 16.43 -18.51
CA ASN A 363 3.26 17.34 -19.62
C ASN A 363 3.88 18.60 -19.06
N ASN A 364 5.19 18.70 -19.19
CA ASN A 364 5.90 19.86 -18.68
C ASN A 364 5.78 19.96 -17.15
N GLY A 365 5.78 18.81 -16.46
CA GLY A 365 5.67 18.84 -15.01
C GLY A 365 4.24 18.70 -14.50
N VAL A 366 3.27 19.00 -15.35
CA VAL A 366 1.87 18.89 -14.97
C VAL A 366 1.41 17.44 -15.12
N ILE A 367 1.03 16.83 -14.00
CA ILE A 367 0.59 15.44 -14.01
C ILE A 367 -0.59 15.23 -14.96
N LYS A 368 -0.51 14.17 -15.75
CA LYS A 368 -1.56 13.83 -16.71
C LYS A 368 -2.78 13.25 -16.02
N GLU A 369 -3.94 13.47 -16.62
CA GLU A 369 -5.17 12.93 -16.05
C GLU A 369 -5.27 11.45 -16.33
N VAL A 370 -5.96 10.74 -15.45
CA VAL A 370 -6.15 9.32 -15.65
C VAL A 370 -7.31 9.10 -16.63
N THR A 371 -7.00 8.63 -17.83
CA THR A 371 -8.04 8.40 -18.81
C THR A 371 -8.50 6.95 -18.76
N ILE A 372 -9.79 6.71 -19.00
CA ILE A 372 -10.31 5.35 -18.97
C ILE A 372 -10.69 4.86 -20.35
N ASN A 373 -10.20 3.68 -20.69
CA ASN A 373 -10.48 3.08 -21.99
C ASN A 373 -11.78 2.29 -21.96
N PRO A 374 -12.39 2.08 -23.14
CA PRO A 374 -13.65 1.32 -23.22
C PRO A 374 -13.61 -0.05 -22.55
N ASP A 375 -12.42 -0.66 -22.47
CA ASP A 375 -12.31 -1.97 -21.84
C ASP A 375 -12.05 -1.86 -20.34
N THR A 376 -12.25 -0.64 -19.83
CA THR A 376 -12.10 -0.29 -18.42
C THR A 376 -10.66 -0.16 -17.98
N THR A 377 -9.70 -0.25 -18.90
CA THR A 377 -8.31 -0.06 -18.50
C THR A 377 -7.95 1.41 -18.52
N CYS A 378 -6.75 1.78 -18.09
CA CYS A 378 -6.37 3.20 -18.09
C CYS A 378 -5.37 3.53 -19.18
N GLY A 379 -5.38 4.79 -19.58
CA GLY A 379 -4.43 5.26 -20.58
C GLY A 379 -3.52 6.26 -19.90
N ASN A 380 -2.79 7.05 -20.70
CA ASN A 380 -1.87 8.06 -20.19
C ASN A 380 -0.74 7.47 -19.34
N ASP A 381 -0.42 6.20 -19.57
CA ASP A 381 0.67 5.51 -18.90
C ASP A 381 0.35 5.08 -17.47
N TRP A 382 -0.91 5.21 -17.05
CA TRP A 382 -1.26 4.72 -15.73
C TRP A 382 -1.53 3.23 -15.85
N VAL A 383 -0.93 2.43 -14.97
CA VAL A 383 -1.11 0.98 -15.03
C VAL A 383 -2.47 0.53 -14.52
N CYS A 384 -2.94 1.15 -13.45
CA CYS A 384 -4.23 0.82 -12.83
C CYS A 384 -4.40 -0.67 -12.60
N GLU A 385 -3.51 -1.26 -11.81
CA GLU A 385 -3.60 -2.69 -11.51
C GLU A 385 -4.90 -3.02 -10.79
N HIS A 386 -5.46 -2.04 -10.09
CA HIS A 386 -6.70 -2.26 -9.34
C HIS A 386 -7.88 -2.45 -10.28
N ARG A 387 -7.68 -2.12 -11.55
CA ARG A 387 -8.72 -2.27 -12.56
C ARG A 387 -8.55 -3.56 -13.37
N TRP A 388 -7.46 -4.29 -13.15
CA TRP A 388 -7.30 -5.57 -13.85
C TRP A 388 -8.35 -6.53 -13.33
N ARG A 389 -9.05 -7.22 -14.24
CA ARG A 389 -10.12 -8.14 -13.82
C ARG A 389 -9.68 -9.10 -12.71
N GLN A 390 -8.53 -9.74 -12.90
CA GLN A 390 -7.99 -10.74 -11.95
C GLN A 390 -7.75 -10.17 -10.56
N ILE A 391 -7.37 -8.90 -10.49
CA ILE A 391 -7.11 -8.28 -9.20
C ILE A 391 -8.40 -7.71 -8.61
N ARG A 392 -9.16 -7.01 -9.44
CA ARG A 392 -10.41 -6.44 -8.99
C ARG A 392 -11.35 -7.52 -8.46
N ASN A 393 -11.42 -8.65 -9.15
CA ASN A 393 -12.30 -9.72 -8.72
C ASN A 393 -11.81 -10.40 -7.44
N MET A 394 -10.51 -10.35 -7.18
CA MET A 394 -9.98 -10.94 -5.96
C MET A 394 -10.19 -10.00 -4.77
N VAL A 395 -10.28 -8.70 -5.08
CA VAL A 395 -10.58 -7.71 -4.06
C VAL A 395 -12.00 -7.97 -3.53
N ILE A 396 -12.90 -8.30 -4.46
CA ILE A 396 -14.27 -8.62 -4.09
C ILE A 396 -14.31 -9.97 -3.39
N PHE A 397 -13.47 -10.90 -3.85
CA PHE A 397 -13.37 -12.22 -3.24
C PHE A 397 -13.06 -12.11 -1.73
N ARG A 398 -12.16 -11.21 -1.38
CA ARG A 398 -11.79 -11.02 0.03
C ARG A 398 -12.99 -10.50 0.84
N ASN A 399 -13.76 -9.61 0.25
CA ASN A 399 -14.95 -9.05 0.91
C ASN A 399 -15.96 -10.17 1.21
N VAL A 400 -16.21 -11.00 0.19
CA VAL A 400 -17.19 -12.09 0.26
C VAL A 400 -16.84 -13.13 1.33
N VAL A 401 -15.56 -13.46 1.48
CA VAL A 401 -15.16 -14.49 2.42
C VAL A 401 -14.69 -13.92 3.76
N ASP A 402 -14.86 -12.62 3.95
CA ASP A 402 -14.44 -11.95 5.19
C ASP A 402 -14.93 -12.70 6.42
N GLY A 403 -14.00 -13.07 7.29
CA GLY A 403 -14.34 -13.75 8.52
C GLY A 403 -14.30 -15.26 8.47
N GLN A 404 -14.31 -15.82 7.27
CA GLN A 404 -14.27 -17.27 7.09
C GLN A 404 -12.88 -17.83 7.38
N PRO A 405 -12.81 -19.00 7.99
CA PRO A 405 -11.53 -19.62 8.31
C PRO A 405 -10.80 -20.24 7.11
N PHE A 406 -9.52 -20.43 7.31
CA PHE A 406 -8.67 -21.07 6.33
C PHE A 406 -8.86 -22.57 6.44
N THR A 407 -9.26 -23.23 5.35
CA THR A 407 -9.49 -24.67 5.42
C THR A 407 -9.28 -25.34 4.07
N ASN A 408 -9.49 -26.66 4.10
CA ASN A 408 -9.41 -27.51 2.92
C ASN A 408 -8.16 -27.24 2.09
N TRP A 409 -7.01 -27.22 2.74
CA TRP A 409 -5.76 -26.98 2.04
C TRP A 409 -5.29 -28.26 1.31
N TYR A 410 -4.75 -28.08 0.12
CA TYR A 410 -4.21 -29.18 -0.67
C TYR A 410 -2.93 -28.75 -1.34
N ASP A 411 -1.98 -29.67 -1.46
CA ASP A 411 -0.73 -29.40 -2.17
C ASP A 411 -0.14 -30.70 -2.70
N ASN A 412 0.57 -30.61 -3.82
CA ASN A 412 1.16 -31.78 -4.44
C ASN A 412 2.61 -31.94 -4.05
N GLY A 413 3.02 -31.27 -2.97
CA GLY A 413 4.40 -31.37 -2.52
C GLY A 413 5.30 -30.49 -3.36
N SER A 414 4.73 -29.82 -4.35
CA SER A 414 5.51 -28.95 -5.23
C SER A 414 4.93 -27.53 -5.30
N ASN A 415 4.35 -27.16 -6.45
CA ASN A 415 3.81 -25.82 -6.61
C ASN A 415 2.34 -25.81 -7.01
N GLN A 416 1.63 -26.89 -6.73
CA GLN A 416 0.19 -26.95 -7.00
C GLN A 416 -0.53 -27.05 -5.68
N VAL A 417 -1.17 -25.96 -5.28
CA VAL A 417 -1.85 -25.90 -4.01
C VAL A 417 -3.25 -25.32 -4.11
N ALA A 418 -4.04 -25.53 -3.07
CA ALA A 418 -5.39 -25.03 -3.02
C ALA A 418 -5.88 -24.96 -1.59
N PHE A 419 -6.83 -24.07 -1.36
CA PHE A 419 -7.42 -23.92 -0.03
C PHE A 419 -8.71 -23.16 -0.13
N GLY A 420 -9.53 -23.26 0.90
CA GLY A 420 -10.79 -22.53 0.86
C GLY A 420 -10.93 -21.66 2.08
N ARG A 421 -11.97 -20.83 2.03
CA ARG A 421 -12.32 -19.94 3.12
C ARG A 421 -13.72 -20.29 3.60
N GLY A 422 -13.80 -21.11 4.64
CA GLY A 422 -15.10 -21.52 5.14
C GLY A 422 -15.89 -22.13 3.99
N ASN A 423 -17.14 -21.74 3.86
CA ASN A 423 -17.97 -22.24 2.79
C ASN A 423 -18.38 -21.12 1.86
N ARG A 424 -17.52 -20.10 1.73
CA ARG A 424 -17.83 -18.96 0.90
C ARG A 424 -16.82 -18.78 -0.24
N GLY A 425 -15.70 -19.49 -0.20
CA GLY A 425 -14.73 -19.33 -1.25
C GLY A 425 -13.70 -20.44 -1.38
N PHE A 426 -13.17 -20.61 -2.59
CA PHE A 426 -12.15 -21.62 -2.87
C PHE A 426 -11.20 -21.13 -3.98
N ILE A 427 -9.91 -21.37 -3.81
CA ILE A 427 -8.93 -20.92 -4.79
C ILE A 427 -7.89 -22.01 -5.07
N VAL A 428 -7.53 -22.17 -6.34
CA VAL A 428 -6.57 -23.19 -6.78
C VAL A 428 -5.43 -22.57 -7.59
N PHE A 429 -4.20 -23.00 -7.30
CA PHE A 429 -3.03 -22.46 -7.98
C PHE A 429 -2.19 -23.56 -8.64
N ASN A 430 -1.68 -23.27 -9.83
CA ASN A 430 -0.78 -24.17 -10.53
C ASN A 430 0.46 -23.40 -10.95
N ASN A 431 1.54 -23.55 -10.20
CA ASN A 431 2.78 -22.86 -10.54
C ASN A 431 3.87 -23.86 -10.93
N ASP A 432 3.46 -25.07 -11.31
CA ASP A 432 4.40 -26.09 -11.75
C ASP A 432 4.47 -26.08 -13.29
N ASP A 433 5.48 -26.74 -13.85
CA ASP A 433 5.62 -26.75 -15.31
C ASP A 433 4.91 -27.93 -15.94
N TRP A 434 3.79 -28.30 -15.35
CA TRP A 434 2.95 -29.36 -15.87
C TRP A 434 1.51 -29.08 -15.50
N SER A 435 0.58 -29.77 -16.15
CA SER A 435 -0.84 -29.52 -15.94
C SER A 435 -1.35 -30.03 -14.61
N PHE A 436 -2.40 -29.38 -14.15
CA PHE A 436 -3.10 -29.75 -12.94
C PHE A 436 -4.52 -30.14 -13.29
N SER A 437 -4.89 -31.35 -12.93
CA SER A 437 -6.22 -31.85 -13.21
C SER A 437 -6.62 -32.79 -12.08
N LEU A 438 -7.45 -32.30 -11.17
CA LEU A 438 -7.82 -33.12 -10.04
C LEU A 438 -9.13 -32.67 -9.42
N THR A 439 -9.81 -33.62 -8.79
CA THR A 439 -11.05 -33.33 -8.08
C THR A 439 -10.71 -33.01 -6.64
N LEU A 440 -11.12 -31.82 -6.19
CA LEU A 440 -10.80 -31.37 -4.83
C LEU A 440 -12.05 -31.10 -3.98
N GLN A 441 -11.87 -31.16 -2.67
CA GLN A 441 -12.94 -30.83 -1.75
C GLN A 441 -12.92 -29.31 -1.53
N THR A 442 -14.00 -28.63 -1.89
CA THR A 442 -14.05 -27.16 -1.80
C THR A 442 -14.78 -26.65 -0.56
N GLY A 443 -15.59 -27.48 0.06
CA GLY A 443 -16.32 -27.00 1.24
C GLY A 443 -17.44 -26.04 0.86
N LEU A 444 -17.74 -25.94 -0.43
CA LEU A 444 -18.78 -25.05 -0.91
C LEU A 444 -20.07 -25.81 -1.22
N PRO A 445 -21.21 -25.10 -1.23
CA PRO A 445 -22.49 -25.73 -1.53
C PRO A 445 -22.53 -26.13 -3.01
N ALA A 446 -23.22 -27.22 -3.31
CA ALA A 446 -23.33 -27.71 -4.69
C ALA A 446 -23.85 -26.61 -5.62
N GLY A 447 -23.45 -26.67 -6.89
CA GLY A 447 -23.90 -25.68 -7.85
C GLY A 447 -22.86 -25.34 -8.90
N THR A 448 -23.21 -24.43 -9.80
CA THR A 448 -22.30 -24.00 -10.83
C THR A 448 -21.73 -22.64 -10.48
N TYR A 449 -20.41 -22.53 -10.48
CA TYR A 449 -19.77 -21.28 -10.13
C TYR A 449 -18.91 -20.74 -11.26
N CYS A 450 -18.89 -19.42 -11.37
CA CYS A 450 -18.07 -18.77 -12.37
C CYS A 450 -16.66 -18.55 -11.82
N ASP A 451 -15.65 -18.90 -12.60
CA ASP A 451 -14.29 -18.61 -12.18
C ASP A 451 -14.09 -17.10 -12.33
N VAL A 452 -13.72 -16.40 -11.25
CA VAL A 452 -13.61 -14.94 -11.34
C VAL A 452 -12.25 -14.47 -11.86
N ILE A 453 -11.35 -15.39 -12.16
CA ILE A 453 -10.04 -15.02 -12.70
C ILE A 453 -10.08 -14.92 -14.21
N SER A 454 -10.63 -15.96 -14.86
CA SER A 454 -10.73 -16.00 -16.32
C SER A 454 -11.95 -15.23 -16.83
N GLY A 455 -12.90 -14.93 -15.95
CA GLY A 455 -14.07 -14.21 -16.41
C GLY A 455 -14.86 -13.54 -15.32
N ASP A 456 -16.14 -13.35 -15.59
CA ASP A 456 -17.06 -12.74 -14.64
C ASP A 456 -18.44 -13.38 -14.72
N LYS A 457 -19.26 -13.10 -13.72
CA LYS A 457 -20.62 -13.57 -13.74
C LYS A 457 -21.48 -12.41 -14.20
N ILE A 458 -21.98 -12.48 -15.43
CA ILE A 458 -22.79 -11.40 -15.96
C ILE A 458 -24.09 -11.91 -16.56
N ASN A 459 -25.19 -11.30 -16.15
CA ASN A 459 -26.51 -11.67 -16.64
C ASN A 459 -26.80 -13.15 -16.43
N GLY A 460 -26.58 -13.64 -15.21
CA GLY A 460 -26.85 -15.04 -14.93
C GLY A 460 -26.04 -16.02 -15.76
N ASN A 461 -24.85 -15.61 -16.19
CA ASN A 461 -23.96 -16.45 -16.97
C ASN A 461 -22.49 -16.12 -16.68
N CYS A 462 -21.59 -17.06 -16.98
CA CYS A 462 -20.16 -16.85 -16.80
C CYS A 462 -19.50 -16.55 -18.13
N THR A 463 -18.57 -15.60 -18.14
CA THR A 463 -17.88 -15.24 -19.36
C THR A 463 -16.57 -16.02 -19.49
N GLY A 464 -16.20 -16.72 -18.43
CA GLY A 464 -14.97 -17.50 -18.45
C GLY A 464 -15.23 -18.94 -18.07
N ILE A 465 -14.29 -19.55 -17.37
CA ILE A 465 -14.39 -20.95 -16.94
C ILE A 465 -15.54 -21.13 -15.95
N LYS A 466 -16.16 -22.31 -16.00
CA LYS A 466 -17.24 -22.67 -15.09
C LYS A 466 -16.85 -23.90 -14.29
N ILE A 467 -17.09 -23.84 -12.99
CA ILE A 467 -16.79 -24.97 -12.11
C ILE A 467 -18.08 -25.59 -11.61
N TYR A 468 -18.13 -26.91 -11.50
CA TYR A 468 -19.32 -27.58 -11.02
C TYR A 468 -19.06 -28.30 -9.71
N VAL A 469 -19.70 -27.83 -8.64
CA VAL A 469 -19.54 -28.42 -7.31
C VAL A 469 -20.68 -29.40 -7.02
N SER A 470 -20.33 -30.62 -6.61
CA SER A 470 -21.32 -31.64 -6.33
C SER A 470 -21.88 -31.51 -4.91
N ASP A 471 -22.81 -32.41 -4.57
CA ASP A 471 -23.47 -32.43 -3.26
C ASP A 471 -22.49 -32.62 -2.12
N ASP A 472 -21.37 -33.29 -2.36
CA ASP A 472 -20.40 -33.52 -1.29
C ASP A 472 -19.34 -32.42 -1.25
N GLY A 473 -19.55 -31.36 -2.03
CA GLY A 473 -18.61 -30.25 -2.05
C GLY A 473 -17.43 -30.43 -2.96
N LYS A 474 -17.30 -31.59 -3.58
CA LYS A 474 -16.19 -31.85 -4.46
C LYS A 474 -16.38 -31.16 -5.81
N ALA A 475 -15.27 -30.89 -6.49
CA ALA A 475 -15.28 -30.23 -7.79
C ALA A 475 -13.99 -30.51 -8.53
N HIS A 476 -14.08 -30.69 -9.84
CA HIS A 476 -12.89 -30.97 -10.63
C HIS A 476 -12.28 -29.68 -11.14
N PHE A 477 -10.96 -29.55 -10.98
CA PHE A 477 -10.24 -28.37 -11.44
C PHE A 477 -9.17 -28.77 -12.45
N SER A 478 -9.12 -28.03 -13.55
CA SER A 478 -8.14 -28.29 -14.58
C SER A 478 -7.42 -26.99 -14.97
N ILE A 479 -6.12 -26.95 -14.71
CA ILE A 479 -5.32 -25.78 -15.02
C ILE A 479 -4.02 -26.16 -15.73
N SER A 480 -3.91 -25.74 -16.99
CA SER A 480 -2.71 -26.02 -17.76
C SER A 480 -1.63 -25.02 -17.40
N ASN A 481 -0.37 -25.47 -17.40
CA ASN A 481 0.73 -24.57 -17.09
C ASN A 481 0.89 -23.52 -18.20
N SER A 482 0.10 -23.66 -19.26
CA SER A 482 0.14 -22.73 -20.38
C SER A 482 -1.00 -21.71 -20.32
N ALA A 483 -1.83 -21.78 -19.26
CA ALA A 483 -2.93 -20.87 -19.11
C ALA A 483 -2.40 -19.48 -18.95
N GLU A 484 -3.21 -18.53 -19.37
CA GLU A 484 -2.69 -17.20 -19.37
C GLU A 484 -2.65 -16.69 -17.83
N ASP A 485 -3.56 -17.24 -17.00
CA ASP A 485 -3.58 -17.08 -15.57
C ASP A 485 -3.73 -18.47 -14.96
N PRO A 486 -2.63 -19.05 -14.44
CA PRO A 486 -2.65 -20.40 -13.84
C PRO A 486 -3.32 -20.58 -12.48
N PHE A 487 -4.45 -19.92 -12.27
CA PHE A 487 -5.16 -20.10 -11.02
C PHE A 487 -6.63 -19.79 -11.20
N ILE A 488 -7.46 -20.51 -10.45
CA ILE A 488 -8.91 -20.37 -10.51
C ILE A 488 -9.48 -20.02 -9.14
N ALA A 489 -10.42 -19.09 -9.09
CA ALA A 489 -11.05 -18.72 -7.83
C ALA A 489 -12.56 -18.60 -7.99
N ILE A 490 -13.29 -19.20 -7.07
CA ILE A 490 -14.75 -19.13 -7.07
C ILE A 490 -15.26 -18.81 -5.67
N HIS A 491 -16.38 -18.10 -5.60
CA HIS A 491 -16.93 -17.76 -4.29
C HIS A 491 -18.46 -17.71 -4.32
N ALA A 492 -19.04 -17.57 -3.13
CA ALA A 492 -20.49 -17.54 -2.94
C ALA A 492 -21.21 -16.58 -3.88
N GLU A 493 -20.60 -15.44 -4.17
CA GLU A 493 -21.27 -14.47 -5.05
C GLU A 493 -20.96 -14.72 -6.53
N SER A 494 -20.16 -15.73 -6.82
CA SER A 494 -19.88 -16.06 -8.22
C SER A 494 -20.71 -17.27 -8.62
N LYS A 495 -21.49 -17.76 -7.66
CA LYS A 495 -22.38 -18.88 -7.89
C LYS A 495 -23.46 -18.47 -8.83
N LEU A 496 -23.83 -19.36 -9.72
CA LEU A 496 -24.82 -19.04 -10.73
C LEU A 496 -26.23 -19.38 -10.26
C1 GLC B . 17.73 -0.90 4.97
C2 GLC B . 16.97 -0.36 6.20
C3 GLC B . 15.74 0.45 5.77
C4 GLC B . 16.10 1.59 4.83
C5 GLC B . 16.82 0.96 3.60
C6 GLC B . 17.31 2.02 2.60
O1 GLC B . 17.06 -1.97 4.33
O2 GLC B . 16.52 -1.42 7.03
O3 GLC B . 15.09 0.95 6.93
O4 GLC B . 14.89 2.21 4.42
O5 GLC B . 17.96 0.17 4.03
O6 GLC B . 18.15 2.97 3.24
C1 AGL B . 14.91 3.62 4.49
C2 AGL B . 13.84 4.13 5.50
C3 AGL B . 12.41 4.11 4.94
C4 AGL B . 12.42 4.78 3.55
C5 AGL B . 13.39 3.98 2.65
C6 AGL B . 13.35 4.51 1.21
O2 AGL B . 13.92 3.33 6.67
O3 AGL B . 11.58 4.85 5.81
N4 AGL B . 11.06 4.76 2.94
O5 AGL B . 14.72 4.11 3.17
C1 GLC C . 12.26 8.70 -0.85
C2 GLC C . 13.35 8.07 -1.74
C3 GLC C . 14.76 8.63 -1.41
C4 GLC C . 14.71 10.15 -1.46
C5 GLC C . 13.69 10.65 -0.39
C6 GLC C . 13.59 12.19 -0.32
O2 GLC C . 13.36 6.67 -1.50
O3 GLC C . 15.69 8.13 -2.35
O4 GLC C . 16.00 10.68 -1.21
O5 GLC C . 12.39 10.13 -0.75
O6 GLC C . 13.34 12.76 -1.58
C1 GLC C . 16.41 11.63 -2.21
C2 GLC C . 17.72 11.20 -2.89
C3 GLC C . 18.86 11.16 -1.85
C4 GLC C . 18.98 12.56 -1.25
C5 GLC C . 17.61 12.97 -0.61
C6 GLC C . 17.63 14.42 -0.11
O2 GLC C . 17.53 9.95 -3.48
O3 GLC C . 20.07 10.82 -2.50
O4 GLC C . 20.02 12.58 -0.27
O5 GLC C . 16.58 12.91 -1.59
O6 GLC C . 18.54 14.60 0.95
C1 NAG D . -27.00 -17.58 -20.65
C2 NAG D . -28.39 -16.98 -20.78
C3 NAG D . -29.25 -17.86 -21.68
C4 NAG D . -28.62 -18.07 -23.02
C5 NAG D . -27.15 -18.54 -22.90
C6 NAG D . -26.39 -18.49 -24.22
C7 NAG D . -29.51 -15.77 -18.97
C8 NAG D . -30.09 -15.90 -17.59
N2 NAG D . -29.01 -16.91 -19.44
O3 NAG D . -30.55 -17.23 -21.80
O4 NAG D . -29.33 -19.08 -23.75
O5 NAG D . -26.43 -17.68 -21.94
O6 NAG D . -25.04 -18.95 -24.04
O7 NAG D . -29.51 -14.70 -19.60
CA CA E . 14.21 11.15 13.24
CL CL F . 4.64 1.56 2.86
C1 HMC G . 10.13 5.95 3.15
C2 HMC G . 9.34 6.26 1.89
O2 HMC G . 8.65 5.15 1.44
C3 HMC G . 10.37 6.69 0.78
O3 HMC G . 9.67 6.96 -0.41
C4 HMC G . 11.14 7.98 1.17
O4 HMC G . 12.34 8.12 0.43
C5 HMC G . 11.45 8.17 2.70
C6 HMC G . 10.72 7.32 3.50
C7 HMC G . 11.87 9.48 3.21
O7 HMC G . 10.73 10.36 3.37
#